data_5K0H
#
_entry.id   5K0H
#
_cell.length_a   56.280
_cell.length_b   72.400
_cell.length_c   77.130
_cell.angle_alpha   90.00
_cell.angle_beta   90.00
_cell.angle_gamma   90.00
#
_symmetry.space_group_name_H-M   'P 21 21 21'
#
loop_
_entity.id
_entity.type
_entity.pdbx_description
1 polymer 'Coagulation factor X'
2 polymer 'Coagulation factor X'
3 non-polymer 'CALCIUM ION'
4 non-polymer O-benzyl-N-(benzylsulfonyl)-D-seryl-N-[(4-carbamimidoylphenyl)methyl]glycinamide
5 water water
#
loop_
_entity_poly.entity_id
_entity_poly.type
_entity_poly.pdbx_seq_one_letter_code
_entity_poly.pdbx_strand_id
1 'polypeptide(L)'
;IVGGQECKDGECPWQALLINEENEGFCGGTILSEFYILTAAHCLYQAKRFKVRVGDRNTEQEEGGEAVHEVEVVIKHNRF
TKETYDFDIAVLRLKTPITFRMNVAPACLPERDWAESTLMTQKTGIVSGFGRTHEKGRQSTRLKMLEVPYVDRNSCKLSS
SFIITQNMFCAGYDTKQEDACQGDSGGPHVTRFKDTYFVTGIVSWGEGCARKGKYGIYTKVTAFLKWIDRSMKT
;
A
2 'polypeptide(L)' LCSLDNGDCDQFCHEEQNSVVCSCARGYTLADNGKACIPTGPYPCGKQTLE B
#
# COMPACT_ATOMS: atom_id res chain seq x y z
N ILE A 1 -4.35 6.23 -11.84
CA ILE A 1 -3.94 4.91 -12.40
C ILE A 1 -4.17 4.92 -13.91
N VAL A 2 -3.15 4.53 -14.67
CA VAL A 2 -3.28 4.46 -16.12
C VAL A 2 -3.55 3.02 -16.45
N GLY A 3 -4.65 2.78 -17.17
CA GLY A 3 -5.02 1.42 -17.52
C GLY A 3 -5.60 0.70 -16.30
N GLY A 4 -5.31 -0.59 -16.19
CA GLY A 4 -5.82 -1.33 -15.05
C GLY A 4 -7.33 -1.38 -15.03
N GLN A 5 -7.89 -1.64 -13.84
CA GLN A 5 -9.33 -1.73 -13.70
C GLN A 5 -9.88 -0.91 -12.53
N GLU A 6 -11.21 -0.81 -12.50
CA GLU A 6 -11.93 -0.08 -11.47
C GLU A 6 -12.02 -1.02 -10.26
N CYS A 7 -11.79 -0.49 -9.06
CA CYS A 7 -11.90 -1.32 -7.86
C CYS A 7 -13.37 -1.60 -7.63
N LYS A 8 -13.76 -2.87 -7.71
CA LYS A 8 -15.15 -3.24 -7.49
C LYS A 8 -15.46 -3.23 -6.01
N ASP A 9 -16.75 -3.35 -5.68
CA ASP A 9 -17.19 -3.31 -4.30
C ASP A 9 -16.41 -4.26 -3.36
N GLY A 10 -15.72 -3.68 -2.39
CA GLY A 10 -14.97 -4.46 -1.43
C GLY A 10 -13.63 -5.01 -1.90
N GLU A 11 -13.17 -4.62 -3.08
CA GLU A 11 -11.90 -5.10 -3.61
C GLU A 11 -10.66 -4.36 -3.12
N CYS A 12 -10.80 -3.08 -2.80
CA CYS A 12 -9.66 -2.29 -2.34
C CYS A 12 -10.06 -1.57 -1.06
N PRO A 13 -10.45 -2.32 -0.03
CA PRO A 13 -10.89 -1.75 1.25
C PRO A 13 -9.86 -0.96 2.06
N TRP A 14 -8.58 -1.24 1.86
CA TRP A 14 -7.51 -0.56 2.60
C TRP A 14 -7.12 0.78 1.99
N GLN A 15 -7.77 1.16 0.90
CA GLN A 15 -7.45 2.43 0.26
C GLN A 15 -7.95 3.60 1.09
N ALA A 16 -7.10 4.63 1.18
CA ALA A 16 -7.44 5.84 1.91
C ALA A 16 -7.16 6.99 0.95
N LEU A 17 -7.91 8.08 1.11
CA LEU A 17 -7.75 9.25 0.24
C LEU A 17 -7.58 10.51 1.08
N LEU A 18 -6.49 11.23 0.85
CA LEU A 18 -6.24 12.47 1.60
C LEU A 18 -6.92 13.58 0.82
N ILE A 19 -7.74 14.37 1.49
CA ILE A 19 -8.47 15.43 0.83
C ILE A 19 -8.17 16.78 1.45
N ASN A 20 -8.07 17.81 0.60
CA ASN A 20 -7.79 19.16 1.05
C ASN A 20 -9.06 19.89 1.49
N GLU A 21 -8.94 21.21 1.68
CA GLU A 21 -10.06 22.05 2.10
C GLU A 21 -11.29 21.91 1.23
N GLU A 22 -11.08 21.93 -0.08
CA GLU A 22 -12.19 21.82 -1.03
C GLU A 22 -12.69 20.39 -1.16
N ASN A 23 -12.34 19.53 -0.20
CA ASN A 23 -12.75 18.13 -0.24
C ASN A 23 -12.25 17.44 -1.52
N GLU A 24 -11.11 17.91 -2.02
CA GLU A 24 -10.51 17.35 -3.23
C GLU A 24 -9.41 16.37 -2.80
N GLY A 25 -9.37 15.21 -3.43
CA GLY A 25 -8.35 14.24 -3.10
C GLY A 25 -7.06 14.59 -3.82
N PHE A 26 -5.94 14.61 -3.10
CA PHE A 26 -4.67 14.94 -3.71
C PHE A 26 -3.62 13.84 -3.56
N CYS A 27 -3.89 12.89 -2.66
CA CYS A 27 -2.98 11.77 -2.42
C CYS A 27 -3.74 10.61 -1.84
N GLY A 28 -3.14 9.43 -1.91
CA GLY A 28 -3.77 8.24 -1.36
C GLY A 28 -3.02 7.82 -0.11
N GLY A 29 -3.50 6.76 0.53
CA GLY A 29 -2.87 6.25 1.73
C GLY A 29 -3.36 4.83 1.95
N THR A 30 -2.76 4.13 2.89
CA THR A 30 -3.18 2.76 3.18
C THR A 30 -3.61 2.66 4.64
N ILE A 31 -4.76 2.01 4.87
CA ILE A 31 -5.28 1.81 6.20
C ILE A 31 -4.46 0.70 6.86
N LEU A 32 -3.82 0.99 7.99
CA LEU A 32 -3.03 -0.03 8.68
C LEU A 32 -3.76 -0.61 9.89
N SER A 33 -4.63 0.22 10.47
CA SER A 33 -5.39 -0.17 11.64
C SER A 33 -6.48 0.88 11.81
N GLU A 34 -7.30 0.76 12.84
CA GLU A 34 -8.37 1.74 13.02
C GLU A 34 -7.89 3.17 13.26
N PHE A 35 -6.66 3.34 13.76
CA PHE A 35 -6.14 4.68 14.01
C PHE A 35 -4.99 5.14 13.11
N TYR A 36 -4.42 4.22 12.33
CA TYR A 36 -3.25 4.56 11.51
C TYR A 36 -3.34 4.42 9.99
N ILE A 37 -2.77 5.42 9.32
CA ILE A 37 -2.75 5.48 7.86
C ILE A 37 -1.30 5.61 7.40
N LEU A 38 -0.94 4.86 6.35
CA LEU A 38 0.39 4.94 5.77
C LEU A 38 0.27 5.75 4.49
N THR A 39 1.22 6.64 4.27
CA THR A 39 1.19 7.47 3.07
C THR A 39 2.61 7.90 2.71
N ALA A 40 2.75 8.74 1.70
CA ALA A 40 4.05 9.23 1.28
C ALA A 40 4.32 10.57 1.95
N ALA A 41 5.58 10.82 2.29
CA ALA A 41 5.95 12.07 2.94
C ALA A 41 5.79 13.27 2.01
N HIS A 42 6.06 13.10 0.72
CA HIS A 42 5.94 14.21 -0.20
C HIS A 42 4.49 14.64 -0.40
N CYS A 43 3.57 13.92 0.23
CA CYS A 43 2.16 14.26 0.15
C CYS A 43 1.86 15.34 1.19
N LEU A 44 2.72 15.45 2.20
CA LEU A 44 2.52 16.43 3.26
C LEU A 44 2.84 17.85 2.82
N TYR A 45 3.34 18.00 1.60
CA TYR A 45 3.66 19.32 1.08
C TYR A 45 2.64 19.73 0.01
N GLN A 46 1.77 18.80 -0.34
CA GLN A 46 0.75 19.02 -1.36
C GLN A 46 -0.50 19.76 -0.86
N ALA A 47 -0.53 20.09 0.44
CA ALA A 47 -1.68 20.78 1.00
C ALA A 47 -1.44 21.27 2.42
N LYS A 48 -2.07 22.40 2.76
CA LYS A 48 -1.96 22.97 4.10
C LYS A 48 -2.50 21.96 5.10
N ARG A 49 -3.81 21.95 5.27
CA ARG A 49 -4.47 21.03 6.19
C ARG A 49 -5.23 20.03 5.32
N PHE A 50 -5.44 18.82 5.83
CA PHE A 50 -6.16 17.81 5.06
C PHE A 50 -6.82 16.76 5.96
N LYS A 51 -7.80 16.06 5.42
CA LYS A 51 -8.50 15.01 6.15
C LYS A 51 -8.36 13.67 5.41
N VAL A 52 -8.76 12.59 6.06
CA VAL A 52 -8.66 11.28 5.45
C VAL A 52 -10.03 10.62 5.28
N ARG A 53 -10.34 10.28 4.04
CA ARG A 53 -11.60 9.64 3.69
C ARG A 53 -11.38 8.16 3.39
N VAL A 54 -12.21 7.30 3.95
CA VAL A 54 -12.13 5.86 3.74
C VAL A 54 -13.47 5.36 3.21
N GLY A 55 -13.46 4.22 2.53
CA GLY A 55 -14.68 3.64 2.00
C GLY A 55 -15.20 4.26 0.73
N ASP A 56 -14.49 5.25 0.19
CA ASP A 56 -14.94 5.89 -1.03
C ASP A 56 -14.45 5.15 -2.28
N ARG A 57 -15.24 5.17 -3.33
CA ARG A 57 -14.87 4.53 -4.58
C ARG A 57 -15.25 5.42 -5.75
N ASN A 58 -16.06 6.45 -5.46
CA ASN A 58 -16.54 7.40 -6.45
C ASN A 58 -16.70 8.76 -5.76
N THR A 59 -15.87 9.72 -6.13
CA THR A 59 -15.91 11.04 -5.51
C THR A 59 -16.97 11.99 -6.07
N GLU A 60 -17.77 11.52 -7.02
CA GLU A 60 -18.80 12.36 -7.62
C GLU A 60 -20.07 12.43 -6.76
N GLN A 61 -20.18 11.54 -5.79
CA GLN A 61 -21.36 11.52 -4.94
C GLN A 61 -21.13 10.86 -3.59
N GLU A 62 -22.16 10.87 -2.74
CA GLU A 62 -22.08 10.27 -1.43
C GLU A 62 -22.98 9.04 -1.40
N GLU A 63 -22.37 7.86 -1.37
CA GLU A 63 -23.14 6.62 -1.34
C GLU A 63 -23.70 6.41 0.07
N GLY A 64 -22.86 6.64 1.07
CA GLY A 64 -23.27 6.45 2.45
C GLY A 64 -22.27 5.56 3.16
N GLY A 65 -21.30 5.04 2.41
CA GLY A 65 -20.30 4.16 3.00
C GLY A 65 -19.00 4.89 3.32
N GLU A 66 -18.80 6.03 2.67
CA GLU A 66 -17.60 6.82 2.89
C GLU A 66 -17.58 7.30 4.33
N ALA A 67 -16.44 7.83 4.77
CA ALA A 67 -16.30 8.32 6.14
C ALA A 67 -15.05 9.19 6.21
N VAL A 68 -15.20 10.38 6.78
CA VAL A 68 -14.09 11.30 6.91
C VAL A 68 -13.51 11.27 8.33
N HIS A 69 -12.19 11.36 8.42
CA HIS A 69 -11.49 11.34 9.70
C HIS A 69 -10.47 12.46 9.74
N GLU A 70 -10.40 13.16 10.87
CA GLU A 70 -9.44 14.23 11.03
C GLU A 70 -8.11 13.62 11.41
N VAL A 71 -7.04 14.36 11.12
CA VAL A 71 -5.70 13.89 11.44
C VAL A 71 -5.27 14.41 12.79
N GLU A 72 -4.98 13.50 13.71
CA GLU A 72 -4.53 13.90 15.04
C GLU A 72 -3.04 14.22 14.99
N VAL A 73 -2.23 13.20 14.70
CA VAL A 73 -0.79 13.37 14.62
C VAL A 73 -0.24 13.01 13.26
N VAL A 74 0.75 13.78 12.81
CA VAL A 74 1.41 13.52 11.53
C VAL A 74 2.86 13.17 11.83
N ILE A 75 3.28 11.98 11.41
CA ILE A 75 4.64 11.51 11.63
C ILE A 75 5.35 11.32 10.30
N LYS A 76 6.12 12.33 9.90
CA LYS A 76 6.86 12.28 8.65
C LYS A 76 8.29 11.84 8.93
N HIS A 77 8.87 11.06 8.03
CA HIS A 77 10.23 10.57 8.21
C HIS A 77 11.18 11.77 8.13
N ASN A 78 12.02 11.92 9.14
CA ASN A 78 12.96 13.03 9.21
C ASN A 78 13.98 13.08 8.08
N ARG A 79 14.41 11.91 7.61
CA ARG A 79 15.40 11.86 6.54
C ARG A 79 14.86 12.07 5.14
N PHE A 80 13.56 12.34 5.02
CA PHE A 80 12.99 12.55 3.70
C PHE A 80 13.42 13.89 3.10
N THR A 81 13.61 13.90 1.78
CA THR A 81 14.01 15.12 1.09
C THR A 81 13.57 15.09 -0.37
N LYS A 82 12.93 16.18 -0.79
CA LYS A 82 12.45 16.32 -2.15
C LYS A 82 13.55 16.27 -3.20
N GLU A 83 14.80 16.31 -2.74
CA GLU A 83 15.95 16.28 -3.65
C GLU A 83 16.17 14.90 -4.25
N THR A 84 15.91 13.87 -3.46
CA THR A 84 16.11 12.49 -3.92
C THR A 84 14.86 11.63 -3.80
N TYR A 85 13.84 12.14 -3.12
CA TYR A 85 12.60 11.41 -2.89
C TYR A 85 12.87 10.11 -2.14
N ASP A 86 13.98 10.09 -1.41
CA ASP A 86 14.35 8.92 -0.63
C ASP A 86 13.61 9.08 0.70
N PHE A 87 13.33 7.95 1.36
CA PHE A 87 12.61 7.98 2.62
C PHE A 87 11.24 8.65 2.43
N ASP A 88 10.57 8.34 1.33
CA ASP A 88 9.27 8.92 1.02
C ASP A 88 8.18 8.11 1.74
N ILE A 89 8.06 8.35 3.04
CA ILE A 89 7.08 7.64 3.85
C ILE A 89 6.62 8.46 5.06
N ALA A 90 5.36 8.27 5.43
CA ALA A 90 4.77 8.96 6.58
C ALA A 90 3.63 8.12 7.12
N VAL A 91 3.30 8.34 8.39
CA VAL A 91 2.21 7.63 9.05
C VAL A 91 1.34 8.68 9.73
N LEU A 92 0.04 8.52 9.59
CA LEU A 92 -0.91 9.46 10.16
C LEU A 92 -1.74 8.77 11.23
N ARG A 93 -1.92 9.42 12.36
CA ARG A 93 -2.77 8.87 13.41
C ARG A 93 -4.04 9.69 13.37
N LEU A 94 -5.18 9.02 13.29
CA LEU A 94 -6.46 9.71 13.22
C LEU A 94 -7.01 10.04 14.61
N LYS A 95 -7.86 11.06 14.69
CA LYS A 95 -8.46 11.43 15.97
C LYS A 95 -9.50 10.39 16.41
N THR A 96 -10.29 9.91 15.46
CA THR A 96 -11.30 8.90 15.77
C THR A 96 -10.97 7.63 15.00
N PRO A 97 -11.28 6.46 15.58
CA PRO A 97 -11.01 5.17 14.93
C PRO A 97 -11.90 4.86 13.73
N ILE A 98 -11.31 4.24 12.71
CA ILE A 98 -12.03 3.86 11.51
C ILE A 98 -13.00 2.73 11.84
N THR A 99 -14.20 2.79 11.28
CA THR A 99 -15.20 1.75 11.51
C THR A 99 -15.08 0.81 10.32
N PHE A 100 -14.52 -0.38 10.56
CA PHE A 100 -14.35 -1.33 9.48
C PHE A 100 -15.70 -1.82 8.95
N ARG A 101 -15.77 -2.04 7.65
CA ARG A 101 -17.01 -2.46 7.03
C ARG A 101 -16.74 -2.71 5.56
N MET A 102 -17.81 -2.93 4.81
CA MET A 102 -17.72 -3.15 3.38
C MET A 102 -16.92 -1.98 2.81
N ASN A 103 -15.86 -2.28 2.07
CA ASN A 103 -15.00 -1.27 1.48
C ASN A 103 -14.07 -0.56 2.47
N VAL A 104 -14.07 -0.99 3.72
CA VAL A 104 -13.19 -0.37 4.70
C VAL A 104 -12.56 -1.43 5.60
N ALA A 105 -11.29 -1.70 5.37
CA ALA A 105 -10.54 -2.68 6.15
C ALA A 105 -9.04 -2.44 6.01
N PRO A 106 -8.25 -2.84 7.01
CA PRO A 106 -6.82 -2.62 6.91
C PRO A 106 -6.08 -3.67 6.08
N ALA A 107 -4.90 -3.31 5.60
CA ALA A 107 -4.05 -4.23 4.86
C ALA A 107 -3.08 -4.72 5.95
N CYS A 108 -2.52 -5.91 5.79
CA CYS A 108 -1.60 -6.44 6.80
C CYS A 108 -0.17 -5.96 6.63
N LEU A 109 0.51 -5.78 7.76
CA LEU A 109 1.93 -5.41 7.75
C LEU A 109 2.65 -6.75 7.85
N PRO A 110 3.56 -7.06 6.90
CA PRO A 110 4.28 -8.32 6.94
C PRO A 110 5.56 -8.20 7.74
N GLU A 111 6.26 -9.31 7.94
CA GLU A 111 7.54 -9.29 8.64
C GLU A 111 8.57 -9.03 7.54
N ARG A 112 9.68 -8.39 7.92
CA ARG A 112 10.72 -8.05 6.96
C ARG A 112 11.30 -9.17 6.11
N ASP A 113 11.93 -10.16 6.74
CA ASP A 113 12.55 -11.26 5.99
C ASP A 113 11.54 -12.04 5.16
N TRP A 114 10.40 -12.39 5.74
CA TRP A 114 9.40 -13.14 4.98
C TRP A 114 8.92 -12.32 3.79
N ALA A 115 8.63 -11.04 4.02
CA ALA A 115 8.16 -10.15 2.98
C ALA A 115 9.13 -10.10 1.81
N GLU A 116 10.41 -9.91 2.11
CA GLU A 116 11.42 -9.83 1.06
C GLU A 116 11.68 -11.13 0.32
N SER A 117 11.61 -12.27 1.00
CA SER A 117 11.86 -13.54 0.34
C SER A 117 10.60 -14.18 -0.27
N THR A 118 9.43 -13.84 0.24
CA THR A 118 8.19 -14.44 -0.26
C THR A 118 7.20 -13.50 -0.96
N LEU A 119 7.09 -12.27 -0.50
CA LEU A 119 6.16 -11.33 -1.12
C LEU A 119 6.73 -10.59 -2.31
N MET A 120 7.94 -10.06 -2.15
CA MET A 120 8.56 -9.30 -3.22
C MET A 120 9.20 -10.15 -4.30
N THR A 121 9.11 -11.46 -4.15
CA THR A 121 9.65 -12.37 -5.15
C THR A 121 8.48 -12.93 -5.92
N GLN A 122 7.28 -12.41 -5.63
CA GLN A 122 6.07 -12.85 -6.33
C GLN A 122 6.15 -12.18 -7.69
N LYS A 123 5.31 -12.61 -8.63
CA LYS A 123 5.32 -12.02 -9.97
C LYS A 123 4.82 -10.59 -9.96
N THR A 124 3.68 -10.37 -9.32
CA THR A 124 3.08 -9.05 -9.30
C THR A 124 2.59 -8.56 -7.96
N GLY A 125 2.26 -7.28 -7.93
CA GLY A 125 1.73 -6.61 -6.76
C GLY A 125 0.54 -5.85 -7.31
N ILE A 126 -0.17 -5.10 -6.47
CA ILE A 126 -1.32 -4.34 -6.91
C ILE A 126 -1.27 -2.92 -6.37
N VAL A 127 -1.41 -1.94 -7.27
CA VAL A 127 -1.39 -0.54 -6.87
C VAL A 127 -2.77 0.04 -7.18
N SER A 128 -3.21 0.97 -6.36
CA SER A 128 -4.51 1.58 -6.57
C SER A 128 -4.52 3.05 -6.21
N GLY A 129 -5.56 3.76 -6.64
CA GLY A 129 -5.68 5.18 -6.34
C GLY A 129 -6.65 5.93 -7.21
N PHE A 130 -6.87 7.20 -6.87
CA PHE A 130 -7.77 8.08 -7.59
C PHE A 130 -6.94 9.01 -8.49
N GLY A 131 -5.68 8.66 -8.71
CA GLY A 131 -4.81 9.49 -9.54
C GLY A 131 -5.24 9.61 -10.99
N ARG A 132 -4.43 10.32 -11.77
CA ARG A 132 -4.71 10.54 -13.19
C ARG A 132 -4.72 9.24 -13.98
N THR A 133 -5.60 9.18 -14.97
CA THR A 133 -5.70 7.98 -15.81
C THR A 133 -4.77 8.11 -17.02
N HIS A 134 -4.16 9.28 -17.15
CA HIS A 134 -3.23 9.57 -18.23
C HIS A 134 -2.23 10.59 -17.68
N GLU A 135 -1.07 10.70 -18.30
CA GLU A 135 -0.06 11.64 -17.82
C GLU A 135 -0.51 13.10 -17.73
N LYS A 136 -1.20 13.61 -18.76
CA LYS A 136 -1.66 14.99 -18.74
C LYS A 136 -3.11 15.17 -18.28
N GLY A 137 -3.81 14.07 -18.02
CA GLY A 137 -5.21 14.15 -17.61
C GLY A 137 -5.48 14.71 -16.21
N ARG A 138 -6.73 14.56 -15.77
CA ARG A 138 -7.16 15.02 -14.45
C ARG A 138 -7.30 13.86 -13.48
N GLN A 139 -7.60 14.17 -12.22
CA GLN A 139 -7.78 13.16 -11.18
C GLN A 139 -9.00 12.31 -11.51
N SER A 140 -8.91 11.02 -11.23
CA SER A 140 -10.01 10.10 -11.50
C SER A 140 -11.07 10.19 -10.41
N THR A 141 -12.34 10.05 -10.80
CA THR A 141 -13.42 10.11 -9.83
C THR A 141 -13.70 8.70 -9.30
N ARG A 142 -13.19 7.69 -10.00
CA ARG A 142 -13.37 6.30 -9.63
C ARG A 142 -12.06 5.68 -9.14
N LEU A 143 -12.14 4.93 -8.05
CA LEU A 143 -10.97 4.26 -7.49
C LEU A 143 -10.55 3.17 -8.44
N LYS A 144 -9.28 3.17 -8.84
CA LYS A 144 -8.80 2.15 -9.75
C LYS A 144 -7.67 1.33 -9.11
N MET A 145 -7.47 0.13 -9.65
CA MET A 145 -6.42 -0.76 -9.18
C MET A 145 -5.71 -1.31 -10.41
N LEU A 146 -4.47 -1.74 -10.23
CA LEU A 146 -3.69 -2.24 -11.35
C LEU A 146 -2.64 -3.26 -10.91
N GLU A 147 -2.61 -4.41 -11.59
CA GLU A 147 -1.63 -5.43 -11.28
C GLU A 147 -0.33 -4.96 -11.91
N VAL A 148 0.69 -4.76 -11.08
CA VAL A 148 1.99 -4.30 -11.57
C VAL A 148 3.07 -5.31 -11.28
N PRO A 149 3.72 -5.82 -12.34
CA PRO A 149 4.79 -6.81 -12.14
C PRO A 149 5.96 -6.23 -11.35
N TYR A 150 6.58 -7.06 -10.52
CA TYR A 150 7.75 -6.62 -9.79
C TYR A 150 8.82 -6.46 -10.85
N VAL A 151 9.68 -5.46 -10.72
CA VAL A 151 10.71 -5.26 -11.71
C VAL A 151 12.09 -5.60 -11.17
N ASP A 152 12.81 -6.40 -11.94
CA ASP A 152 14.17 -6.80 -11.59
C ASP A 152 14.88 -5.52 -11.19
N ARG A 153 15.48 -5.52 -10.01
CA ARG A 153 16.17 -4.34 -9.49
C ARG A 153 17.22 -3.77 -10.44
N ASN A 154 17.92 -4.63 -11.15
CA ASN A 154 18.95 -4.18 -12.09
C ASN A 154 18.31 -3.45 -13.26
N SER A 155 17.35 -4.09 -13.91
CA SER A 155 16.68 -3.49 -15.05
C SER A 155 16.16 -2.10 -14.71
N CYS A 156 15.69 -1.93 -13.48
CA CYS A 156 15.16 -0.64 -13.08
C CYS A 156 16.20 0.47 -13.00
N LYS A 157 17.33 0.17 -12.36
CA LYS A 157 18.40 1.15 -12.22
C LYS A 157 18.89 1.62 -13.58
N LEU A 158 19.01 0.69 -14.52
CA LEU A 158 19.48 1.00 -15.86
C LEU A 158 18.49 1.87 -16.64
N SER A 159 17.21 1.80 -16.27
CA SER A 159 16.18 2.56 -16.96
C SER A 159 15.88 3.92 -16.34
N SER A 160 16.39 4.15 -15.13
CA SER A 160 16.12 5.39 -14.42
C SER A 160 17.18 6.48 -14.59
N SER A 161 16.72 7.71 -14.76
CA SER A 161 17.60 8.85 -14.91
C SER A 161 17.95 9.38 -13.53
N PHE A 162 17.34 8.79 -12.51
CA PHE A 162 17.57 9.19 -11.13
C PHE A 162 17.95 7.97 -10.30
N ILE A 163 18.62 8.21 -9.17
CA ILE A 163 19.07 7.14 -8.32
C ILE A 163 17.97 6.36 -7.61
N ILE A 164 18.02 5.04 -7.76
CA ILE A 164 17.05 4.16 -7.12
C ILE A 164 17.72 3.62 -5.86
N THR A 165 17.44 4.26 -4.73
CA THR A 165 18.01 3.87 -3.45
C THR A 165 17.48 2.54 -2.94
N GLN A 166 18.04 2.07 -1.82
CA GLN A 166 17.60 0.81 -1.24
C GLN A 166 16.27 0.93 -0.53
N ASN A 167 15.73 2.16 -0.50
CA ASN A 167 14.44 2.40 0.13
C ASN A 167 13.33 2.49 -0.91
N MET A 168 13.62 2.05 -2.11
CA MET A 168 12.61 2.08 -3.16
C MET A 168 12.76 0.86 -4.06
N PHE A 169 11.71 0.55 -4.79
CA PHE A 169 11.73 -0.56 -5.74
C PHE A 169 10.84 -0.14 -6.89
N CYS A 170 10.88 -0.88 -7.98
CA CYS A 170 10.10 -0.53 -9.14
C CYS A 170 9.14 -1.61 -9.57
N ALA A 171 8.03 -1.17 -10.14
CA ALA A 171 7.01 -2.09 -10.62
C ALA A 171 6.32 -1.49 -11.82
N GLY A 172 5.74 -2.36 -12.64
CA GLY A 172 5.05 -1.88 -13.83
C GLY A 172 5.54 -2.58 -15.08
N TYR A 173 5.38 -1.91 -16.21
CA TYR A 173 5.76 -2.47 -17.50
C TYR A 173 6.75 -1.58 -18.22
N ASP A 174 7.54 -2.20 -19.10
CA ASP A 174 8.53 -1.47 -19.86
C ASP A 174 7.85 -0.61 -20.93
N THR A 175 6.90 -1.18 -21.65
CA THR A 175 6.21 -0.45 -22.70
C THR A 175 4.69 -0.44 -22.57
N LYS A 176 4.12 -1.49 -22.00
CA LYS A 176 2.67 -1.56 -21.84
C LYS A 176 2.19 -0.28 -21.15
N GLN A 177 1.07 0.26 -21.61
CA GLN A 177 0.53 1.51 -21.08
C GLN A 177 -0.24 1.44 -19.76
N GLU A 178 0.39 0.88 -18.73
CA GLU A 178 -0.27 0.80 -17.42
C GLU A 178 0.74 1.21 -16.36
N ASP A 179 0.31 2.06 -15.43
CA ASP A 179 1.21 2.53 -14.40
C ASP A 179 0.44 3.42 -13.42
N ALA A 180 1.03 3.68 -12.26
CA ALA A 180 0.39 4.57 -11.31
C ALA A 180 0.70 5.93 -11.91
N CYS A 181 0.23 7.00 -11.30
CA CYS A 181 0.49 8.33 -11.84
C CYS A 181 0.27 9.37 -10.75
N GLN A 182 0.43 10.64 -11.10
CA GLN A 182 0.25 11.73 -10.15
C GLN A 182 -1.14 11.62 -9.54
N GLY A 183 -1.21 11.81 -8.23
CA GLY A 183 -2.48 11.70 -7.54
C GLY A 183 -2.56 10.38 -6.79
N ASP A 184 -1.80 9.39 -7.26
CA ASP A 184 -1.78 8.09 -6.61
C ASP A 184 -0.80 8.04 -5.45
N SER A 185 0.11 9.02 -5.41
CA SER A 185 1.12 9.12 -4.36
C SER A 185 0.60 8.82 -2.97
N GLY A 186 1.39 8.09 -2.20
CA GLY A 186 1.02 7.72 -0.84
C GLY A 186 0.11 6.52 -0.83
N GLY A 187 -0.47 6.21 -1.99
CA GLY A 187 -1.38 5.09 -2.12
C GLY A 187 -0.78 3.73 -1.88
N PRO A 188 -1.62 2.69 -1.78
CA PRO A 188 -1.08 1.35 -1.53
C PRO A 188 -0.55 0.54 -2.70
N HIS A 189 0.47 -0.23 -2.39
CA HIS A 189 1.03 -1.19 -3.30
C HIS A 189 0.98 -2.39 -2.37
N VAL A 190 0.11 -3.35 -2.69
CA VAL A 190 -0.02 -4.51 -1.86
C VAL A 190 0.32 -5.74 -2.67
N THR A 191 0.69 -6.80 -1.96
CA THR A 191 1.03 -8.05 -2.59
C THR A 191 0.13 -9.12 -2.00
N ARG A 192 -0.48 -9.87 -2.90
CA ARG A 192 -1.40 -10.93 -2.52
C ARG A 192 -0.64 -12.21 -2.22
N PHE A 193 -1.07 -12.92 -1.18
CA PHE A 193 -0.49 -14.20 -0.83
C PHE A 193 -1.57 -15.02 -0.15
N LYS A 194 -1.98 -16.10 -0.83
CA LYS A 194 -3.04 -16.98 -0.31
C LYS A 194 -4.26 -16.19 0.13
N ASP A 195 -4.76 -15.33 -0.75
CA ASP A 195 -5.95 -14.53 -0.47
C ASP A 195 -5.84 -13.51 0.67
N THR A 196 -4.61 -13.16 1.04
CA THR A 196 -4.39 -12.16 2.09
C THR A 196 -3.42 -11.13 1.52
N TYR A 197 -3.79 -9.86 1.60
CA TYR A 197 -2.98 -8.77 1.07
C TYR A 197 -2.11 -8.05 2.09
N PHE A 198 -0.82 -7.94 1.77
CA PHE A 198 0.16 -7.31 2.63
C PHE A 198 0.71 -6.03 2.02
N VAL A 199 0.84 -4.97 2.81
CA VAL A 199 1.39 -3.72 2.30
C VAL A 199 2.85 -3.96 1.93
N THR A 200 3.24 -3.56 0.73
CA THR A 200 4.62 -3.75 0.28
C THR A 200 5.24 -2.48 -0.23
N GLY A 201 4.41 -1.52 -0.62
CA GLY A 201 4.98 -0.29 -1.13
C GLY A 201 4.07 0.90 -0.97
N ILE A 202 4.62 2.07 -1.25
CA ILE A 202 3.91 3.32 -1.19
C ILE A 202 4.14 4.01 -2.53
N VAL A 203 3.08 4.42 -3.21
CA VAL A 203 3.25 5.10 -4.48
C VAL A 203 4.14 6.32 -4.21
N SER A 204 5.29 6.38 -4.88
CA SER A 204 6.22 7.47 -4.65
C SER A 204 6.46 8.41 -5.82
N TRP A 205 7.05 7.90 -6.90
CA TRP A 205 7.31 8.72 -8.06
C TRP A 205 7.56 7.93 -9.35
N GLY A 206 7.91 8.67 -10.40
CA GLY A 206 8.18 8.07 -11.68
C GLY A 206 8.41 9.18 -12.70
N GLU A 207 9.12 8.87 -13.78
CA GLU A 207 9.39 9.84 -14.83
C GLU A 207 8.20 9.80 -15.78
N GLY A 208 7.21 10.64 -15.51
CA GLY A 208 6.02 10.65 -16.33
C GLY A 208 5.11 9.54 -15.84
N CYS A 209 4.29 8.99 -16.74
CA CYS A 209 3.39 7.91 -16.38
C CYS A 209 3.24 6.95 -17.55
N ALA A 210 3.54 5.68 -17.30
CA ALA A 210 3.45 4.64 -18.31
C ALA A 210 4.33 4.90 -19.53
N ARG A 211 5.38 5.70 -19.35
CA ARG A 211 6.30 5.99 -20.46
C ARG A 211 7.10 4.73 -20.79
N LYS A 212 7.44 4.57 -22.07
CA LYS A 212 8.22 3.43 -22.51
C LYS A 212 9.63 3.52 -21.93
N GLY A 213 10.16 2.37 -21.50
CA GLY A 213 11.49 2.35 -20.94
C GLY A 213 11.57 2.93 -19.54
N LYS A 214 10.41 3.13 -18.92
CA LYS A 214 10.36 3.68 -17.56
C LYS A 214 9.38 2.88 -16.71
N TYR A 215 9.67 2.77 -15.41
CA TYR A 215 8.82 2.02 -14.50
C TYR A 215 8.26 2.90 -13.38
N GLY A 216 7.37 2.34 -12.58
CA GLY A 216 6.79 3.06 -11.45
C GLY A 216 7.69 2.86 -10.25
N ILE A 217 8.00 3.92 -9.52
CA ILE A 217 8.89 3.81 -8.36
C ILE A 217 8.08 3.88 -7.07
N TYR A 218 8.34 2.92 -6.17
CA TYR A 218 7.65 2.86 -4.90
C TYR A 218 8.59 2.78 -3.70
N THR A 219 8.13 3.31 -2.56
CA THR A 219 8.91 3.26 -1.32
C THR A 219 8.85 1.82 -0.86
N LYS A 220 10.01 1.25 -0.55
CA LYS A 220 10.09 -0.12 -0.08
C LYS A 220 9.67 -0.22 1.39
N VAL A 221 8.45 -0.64 1.63
CA VAL A 221 7.91 -0.74 2.99
C VAL A 221 8.70 -1.67 3.92
N THR A 222 9.22 -2.78 3.39
CA THR A 222 9.98 -3.71 4.21
C THR A 222 11.18 -3.02 4.86
N ALA A 223 11.67 -1.94 4.23
CA ALA A 223 12.81 -1.20 4.76
C ALA A 223 12.42 -0.29 5.93
N PHE A 224 11.13 -0.13 6.18
CA PHE A 224 10.67 0.76 7.24
C PHE A 224 9.73 0.10 8.26
N LEU A 225 9.66 -1.22 8.25
CA LEU A 225 8.76 -1.91 9.17
C LEU A 225 9.00 -1.53 10.64
N LYS A 226 10.24 -1.53 11.09
CA LYS A 226 10.52 -1.17 12.48
C LYS A 226 10.09 0.28 12.71
N TRP A 227 10.46 1.16 11.79
CA TRP A 227 10.10 2.57 11.87
C TRP A 227 8.58 2.73 11.95
N ILE A 228 7.88 1.91 11.18
CA ILE A 228 6.42 1.96 11.17
C ILE A 228 5.87 1.51 12.52
N ASP A 229 6.38 0.38 13.03
CA ASP A 229 5.93 -0.11 14.32
C ASP A 229 6.09 0.93 15.41
N ARG A 230 7.26 1.55 15.46
CA ARG A 230 7.53 2.60 16.43
C ARG A 230 6.48 3.70 16.30
N SER A 231 6.25 4.16 15.08
CA SER A 231 5.29 5.22 14.83
C SER A 231 3.89 4.88 15.34
N MET A 232 3.53 3.61 15.26
CA MET A 232 2.21 3.15 15.70
C MET A 232 2.17 2.84 17.20
N LYS A 233 3.30 2.42 17.74
CA LYS A 233 3.41 2.08 19.17
C LYS A 233 3.38 3.31 20.05
N THR A 234 4.39 4.16 19.90
CA THR A 234 4.48 5.39 20.68
C THR A 234 3.30 6.31 20.40
N LEU B 1 11.77 -26.86 4.90
CA LEU B 1 12.17 -25.53 4.38
C LEU B 1 11.00 -24.56 4.13
N CYS B 2 11.18 -23.32 4.58
CA CYS B 2 10.18 -22.27 4.37
C CYS B 2 10.24 -21.93 2.89
N SER B 3 11.27 -22.42 2.22
CA SER B 3 11.47 -22.18 0.80
C SER B 3 10.59 -23.14 0.01
N LEU B 4 10.06 -24.13 0.71
CA LEU B 4 9.18 -25.11 0.09
C LEU B 4 7.73 -24.70 0.35
N ASP B 5 7.12 -24.09 -0.67
CA ASP B 5 5.73 -23.64 -0.58
C ASP B 5 5.44 -22.93 0.75
N ASN B 6 6.33 -21.99 1.11
CA ASN B 6 6.18 -21.21 2.34
C ASN B 6 6.05 -22.10 3.57
N GLY B 7 6.56 -23.33 3.46
CA GLY B 7 6.51 -24.26 4.57
C GLY B 7 5.11 -24.71 4.91
N ASP B 8 4.18 -24.52 3.98
CA ASP B 8 2.78 -24.89 4.19
C ASP B 8 2.11 -23.93 5.17
N CYS B 9 2.78 -22.83 5.48
CA CYS B 9 2.23 -21.82 6.39
C CYS B 9 1.23 -20.94 5.63
N ASP B 10 0.25 -20.40 6.35
CA ASP B 10 -0.73 -19.51 5.74
C ASP B 10 -0.09 -18.14 5.51
N GLN B 11 0.72 -17.71 6.47
CA GLN B 11 1.36 -16.42 6.38
C GLN B 11 2.86 -16.48 6.66
N PHE B 12 3.31 -15.88 7.76
CA PHE B 12 4.74 -15.85 8.07
C PHE B 12 5.36 -17.21 8.33
N CYS B 13 6.53 -17.45 7.76
CA CYS B 13 7.25 -18.71 7.94
C CYS B 13 8.67 -18.43 8.40
N HIS B 14 9.12 -19.19 9.40
CA HIS B 14 10.47 -19.08 9.95
C HIS B 14 11.11 -20.46 10.04
N GLU B 15 12.40 -20.53 9.73
CA GLU B 15 13.12 -21.80 9.79
C GLU B 15 13.95 -21.84 11.06
N GLU B 16 13.26 -21.97 12.20
CA GLU B 16 13.91 -22.03 13.51
C GLU B 16 14.23 -23.47 13.88
N GLN B 17 15.49 -23.72 14.25
CA GLN B 17 15.96 -25.06 14.62
C GLN B 17 15.81 -26.04 13.47
N ASN B 18 16.03 -25.55 12.25
CA ASN B 18 15.94 -26.36 11.05
C ASN B 18 14.51 -26.87 10.79
N SER B 19 13.56 -26.36 11.58
CA SER B 19 12.16 -26.74 11.42
C SER B 19 11.27 -25.53 11.21
N VAL B 20 10.14 -25.74 10.55
CA VAL B 20 9.19 -24.68 10.27
C VAL B 20 8.41 -24.19 11.49
N VAL B 21 8.21 -22.88 11.55
CA VAL B 21 7.44 -22.25 12.61
C VAL B 21 6.62 -21.15 11.93
N CYS B 22 5.30 -21.34 11.90
CA CYS B 22 4.43 -20.38 11.27
C CYS B 22 3.85 -19.39 12.26
N SER B 23 3.64 -18.15 11.82
CA SER B 23 3.06 -17.13 12.66
C SER B 23 2.10 -16.30 11.79
N CYS B 24 1.34 -15.42 12.42
CA CYS B 24 0.36 -14.60 11.70
C CYS B 24 0.47 -13.12 12.01
N ALA B 25 -0.21 -12.31 11.21
CA ALA B 25 -0.22 -10.87 11.40
C ALA B 25 -1.18 -10.59 12.55
N ARG B 26 -1.27 -9.33 12.96
CA ARG B 26 -2.18 -8.96 14.04
C ARG B 26 -3.61 -9.07 13.57
N GLY B 27 -4.46 -9.66 14.40
CA GLY B 27 -5.85 -9.82 14.05
C GLY B 27 -6.16 -11.28 13.76
N TYR B 28 -5.12 -12.11 13.73
CA TYR B 28 -5.25 -13.53 13.48
C TYR B 28 -4.59 -14.28 14.60
N THR B 29 -5.06 -15.52 14.81
CA THR B 29 -4.49 -16.38 15.82
C THR B 29 -4.11 -17.65 15.08
N LEU B 30 -2.92 -18.18 15.37
CA LEU B 30 -2.44 -19.40 14.72
C LEU B 30 -3.38 -20.55 15.04
N ALA B 31 -3.71 -21.36 14.03
CA ALA B 31 -4.60 -22.49 14.20
C ALA B 31 -3.97 -23.62 14.99
N ASP B 32 -4.78 -24.58 15.42
CA ASP B 32 -4.30 -25.72 16.17
C ASP B 32 -3.22 -26.46 15.41
N ASN B 33 -3.32 -26.48 14.08
CA ASN B 33 -2.33 -27.18 13.27
C ASN B 33 -1.01 -26.40 13.15
N GLY B 34 -0.97 -25.23 13.77
CA GLY B 34 0.23 -24.41 13.73
C GLY B 34 0.62 -23.88 12.36
N LYS B 35 -0.32 -23.89 11.42
CA LYS B 35 -0.05 -23.41 10.08
C LYS B 35 -1.03 -22.33 9.62
N ALA B 36 -2.32 -22.64 9.72
CA ALA B 36 -3.38 -21.72 9.29
C ALA B 36 -3.54 -20.54 10.23
N CYS B 37 -4.00 -19.42 9.67
CA CYS B 37 -4.23 -18.22 10.46
C CYS B 37 -5.74 -17.99 10.52
N ILE B 38 -6.28 -17.94 11.73
CA ILE B 38 -7.71 -17.76 11.94
C ILE B 38 -8.01 -16.31 12.33
N PRO B 39 -8.91 -15.65 11.60
CA PRO B 39 -9.28 -14.26 11.88
C PRO B 39 -9.94 -14.16 13.25
N THR B 40 -9.83 -13.01 13.89
CA THR B 40 -10.44 -12.82 15.22
C THR B 40 -11.71 -11.98 15.13
N GLY B 41 -11.78 -11.12 14.11
CA GLY B 41 -12.95 -10.28 13.96
C GLY B 41 -13.58 -10.37 12.58
N PRO B 42 -14.59 -9.52 12.32
CA PRO B 42 -15.32 -9.47 11.03
C PRO B 42 -14.49 -8.85 9.90
N TYR B 43 -13.45 -8.10 10.26
CA TYR B 43 -12.63 -7.45 9.26
C TYR B 43 -11.13 -7.62 9.49
N PRO B 44 -10.62 -8.84 9.33
CA PRO B 44 -9.19 -9.10 9.53
C PRO B 44 -8.42 -8.38 8.43
N CYS B 45 -7.19 -7.95 8.73
CA CYS B 45 -6.38 -7.23 7.74
C CYS B 45 -6.09 -8.09 6.52
N GLY B 46 -5.95 -7.42 5.38
CA GLY B 46 -5.65 -8.14 4.15
C GLY B 46 -6.75 -8.91 3.45
N LYS B 47 -7.96 -8.86 3.96
CA LYS B 47 -9.07 -9.56 3.30
C LYS B 47 -10.02 -8.57 2.64
N GLN B 48 -10.30 -8.79 1.37
CA GLN B 48 -11.23 -7.96 0.62
C GLN B 48 -12.57 -8.22 1.30
N THR B 49 -13.48 -7.26 1.23
CA THR B 49 -14.77 -7.42 1.88
C THR B 49 -15.92 -7.79 0.94
N LEU B 50 -16.57 -8.92 1.21
CA LEU B 50 -17.69 -9.38 0.42
C LEU B 50 -18.99 -8.72 0.89
N GLU B 51 -19.02 -8.31 2.16
CA GLU B 51 -20.18 -7.64 2.72
C GLU B 51 -19.83 -6.85 3.98
#